data_5MPK
#
_entry.id   5MPK
#
_cell.length_a   45.077
_cell.length_b   60.204
_cell.length_c   87.636
_cell.angle_alpha   90.00
_cell.angle_beta   90.00
_cell.angle_gamma   90.00
#
_symmetry.space_group_name_H-M   'P 21 21 21'
#
loop_
_entity.id
_entity.type
_entity.pdbx_description
1 polymer 'CREB-binding protein'
2 non-polymer ~{N}-(5-ethanoyl-2-ethoxy-phenyl)-3-(2~{H}-1,2,3,4-tetrazol-5-yl)-5-(1,3-thiazol-4-yl)benzamide
3 water water
#
_entity_poly.entity_id   1
_entity_poly.type   'polypeptide(L)'
_entity_poly.pdbx_seq_one_letter_code
;SMRKKIFKPEELRQALMPTLEALYRQDPESLPFRQPVDPQLLGIPDYFDIVKNPMDLSTIKRKLDTGQYQEPWQYVDDVW
LMFNNAWLYNRKTSRVYKFCSKLAEVFEQEIDPVMQSLG
;
_entity_poly.pdbx_strand_id   A,B
#
loop_
_chem_comp.id
_chem_comp.type
_chem_comp.name
_chem_comp.formula
0BC non-polymer ~{N}-(5-ethanoyl-2-ethoxy-phenyl)-3-(2~{H}-1,2,3,4-tetrazol-5-yl)-5-(1,3-thiazol-4-yl)benzamide 'C21 H18 N6 O3 S'
#
# COMPACT_ATOMS: atom_id res chain seq x y z
N ILE A 6 -4.17 -11.07 -17.74
CA ILE A 6 -2.98 -11.77 -18.18
C ILE A 6 -1.81 -10.81 -18.34
N PHE A 7 -0.73 -11.07 -17.63
CA PHE A 7 0.51 -10.31 -17.75
C PHE A 7 1.64 -11.28 -18.05
N LYS A 8 2.32 -11.06 -19.17
CA LYS A 8 3.51 -11.82 -19.46
C LYS A 8 4.55 -11.55 -18.38
N PRO A 9 5.10 -12.59 -17.73
CA PRO A 9 6.08 -12.34 -16.67
C PRO A 9 7.30 -11.56 -17.12
N GLU A 10 7.79 -11.77 -18.35
CA GLU A 10 8.91 -10.96 -18.81
C GLU A 10 8.50 -9.50 -18.99
N GLU A 11 7.25 -9.26 -19.33
CA GLU A 11 6.74 -7.88 -19.37
C GLU A 11 6.62 -7.31 -17.96
N LEU A 12 6.23 -8.15 -16.98
CA LEU A 12 6.22 -7.70 -15.60
C LEU A 12 7.61 -7.29 -15.15
N ARG A 13 8.61 -8.13 -15.42
CA ARG A 13 9.98 -7.81 -15.01
C ARG A 13 10.42 -6.49 -15.60
N GLN A 14 10.20 -6.29 -16.90
CA GLN A 14 10.57 -5.04 -17.54
C GLN A 14 9.86 -3.84 -16.91
N ALA A 15 8.57 -3.99 -16.60
CA ALA A 15 7.83 -2.89 -15.98
C ALA A 15 8.26 -2.66 -14.54
N LEU A 16 8.51 -3.74 -13.79
CA LEU A 16 8.67 -3.64 -12.34
C LEU A 16 10.13 -3.54 -11.88
N MET A 17 11.07 -4.17 -12.58
CA MET A 17 12.45 -4.16 -12.10
C MET A 17 13.04 -2.77 -11.89
N PRO A 18 12.70 -1.72 -12.66
CA PRO A 18 13.19 -0.39 -12.32
C PRO A 18 12.77 0.09 -10.94
N THR A 19 11.57 -0.29 -10.47
CA THR A 19 11.17 0.09 -9.12
C THR A 19 12.03 -0.62 -8.08
N LEU A 20 12.48 -1.84 -8.39
CA LEU A 20 13.38 -2.54 -7.48
C LEU A 20 14.80 -1.99 -7.55
N GLU A 21 15.30 -1.73 -8.75
CA GLU A 21 16.62 -1.11 -8.87
C GLU A 21 16.66 0.23 -8.16
N ALA A 22 15.54 0.96 -8.13
CA ALA A 22 15.49 2.19 -7.37
C ALA A 22 15.80 1.96 -5.90
N LEU A 23 15.27 0.90 -5.31
CA LEU A 23 15.52 0.66 -3.89
C LEU A 23 16.97 0.28 -3.65
N TYR A 24 17.53 -0.55 -4.52
CA TYR A 24 18.94 -0.93 -4.40
C TYR A 24 19.87 0.28 -4.46
N ARG A 25 19.49 1.30 -5.23
CA ARG A 25 20.33 2.49 -5.38
C ARG A 25 20.46 3.26 -4.08
N GLN A 26 19.48 3.15 -3.18
CA GLN A 26 19.58 3.86 -1.91
C GLN A 26 20.66 3.21 -1.08
N ASP A 27 21.77 3.91 -0.88
CA ASP A 27 22.90 3.42 -0.10
C ASP A 27 23.19 4.49 0.95
N PRO A 28 23.19 4.15 2.25
CA PRO A 28 23.10 2.80 2.83
C PRO A 28 21.69 2.30 3.17
N GLU A 29 20.64 3.03 2.79
CA GLU A 29 19.30 2.69 3.27
C GLU A 29 18.87 1.28 2.86
N SER A 30 19.32 0.78 1.69
CA SER A 30 18.92 -0.56 1.29
C SER A 30 19.78 -1.67 1.87
N LEU A 31 20.93 -1.35 2.49
CA LEU A 31 21.82 -2.43 2.92
C LEU A 31 21.20 -3.39 3.92
N PRO A 32 20.40 -2.96 4.91
CA PRO A 32 19.72 -3.94 5.77
C PRO A 32 18.74 -4.82 5.05
N PHE A 33 18.39 -4.49 3.80
CA PHE A 33 17.31 -5.15 3.08
C PHE A 33 17.78 -5.95 1.88
N ARG A 34 19.07 -5.93 1.58
CA ARG A 34 19.56 -6.58 0.37
C ARG A 34 19.67 -8.09 0.50
N GLN A 35 19.59 -8.63 1.70
CA GLN A 35 19.69 -10.07 1.89
C GLN A 35 18.73 -10.44 3.02
N PRO A 36 18.32 -11.70 3.09
CA PRO A 36 17.44 -12.10 4.20
C PRO A 36 18.10 -11.82 5.55
N VAL A 37 17.30 -11.33 6.49
CA VAL A 37 17.76 -11.22 7.88
C VAL A 37 18.25 -12.58 8.36
N ASP A 38 19.48 -12.60 8.86
CA ASP A 38 20.07 -13.76 9.53
C ASP A 38 20.05 -13.47 11.02
N PRO A 39 19.11 -14.05 11.78
CA PRO A 39 18.95 -13.62 13.18
C PRO A 39 20.12 -13.97 14.06
N GLN A 40 20.77 -15.12 13.84
CA GLN A 40 21.93 -15.48 14.64
C GLN A 40 23.10 -14.57 14.33
N LEU A 41 23.34 -14.29 13.05
CA LEU A 41 24.45 -13.42 12.68
C LEU A 41 24.26 -12.01 13.22
N LEU A 42 23.04 -11.50 13.16
CA LEU A 42 22.74 -10.16 13.65
C LEU A 42 22.49 -10.12 15.15
N GLY A 43 22.51 -11.27 15.82
CA GLY A 43 22.28 -11.31 17.24
C GLY A 43 20.88 -10.91 17.66
N ILE A 44 19.87 -11.27 16.88
CA ILE A 44 18.49 -10.95 17.22
C ILE A 44 17.64 -12.22 17.20
N PRO A 45 17.81 -13.12 18.17
CA PRO A 45 17.21 -14.47 18.06
C PRO A 45 15.70 -14.51 18.01
N ASP A 46 14.99 -13.47 18.45
CA ASP A 46 13.52 -13.48 18.43
C ASP A 46 12.94 -13.03 17.09
N TYR A 47 13.78 -12.79 16.09
CA TYR A 47 13.28 -12.20 14.85
C TYR A 47 12.19 -13.05 14.22
N PHE A 48 12.45 -14.35 14.09
CA PHE A 48 11.49 -15.24 13.44
C PHE A 48 10.23 -15.47 14.27
N ASP A 49 10.29 -15.21 15.59
CA ASP A 49 9.06 -15.25 16.37
C ASP A 49 8.14 -14.09 16.02
N ILE A 50 8.71 -12.95 15.67
CA ILE A 50 7.92 -11.76 15.39
C ILE A 50 7.58 -11.66 13.91
N VAL A 51 8.52 -12.03 13.05
CA VAL A 51 8.36 -11.91 11.60
C VAL A 51 8.07 -13.29 11.06
N LYS A 52 6.80 -13.54 10.74
CA LYS A 52 6.40 -14.88 10.31
C LYS A 52 6.64 -15.12 8.83
N ASN A 53 6.67 -14.07 8.01
CA ASN A 53 6.84 -14.18 6.55
C ASN A 53 7.95 -13.23 6.12
N PRO A 54 9.21 -13.59 6.32
CA PRO A 54 10.31 -12.68 5.99
C PRO A 54 10.35 -12.41 4.49
N MET A 55 10.88 -11.25 4.14
CA MET A 55 10.97 -10.85 2.75
C MET A 55 12.13 -9.87 2.65
N ASP A 56 12.83 -9.89 1.52
CA ASP A 56 13.95 -8.98 1.32
C ASP A 56 14.14 -8.75 -0.17
N LEU A 57 15.01 -7.80 -0.49
CA LEU A 57 15.17 -7.37 -1.87
C LEU A 57 15.65 -8.51 -2.76
N SER A 58 16.58 -9.34 -2.26
CA SER A 58 17.12 -10.41 -3.09
C SER A 58 16.07 -11.46 -3.41
N THR A 59 15.14 -11.70 -2.48
CA THR A 59 14.07 -12.65 -2.74
C THR A 59 13.10 -12.11 -3.78
N ILE A 60 12.75 -10.83 -3.65
CA ILE A 60 11.88 -10.19 -4.63
C ILE A 60 12.52 -10.21 -6.01
N LYS A 61 13.81 -9.84 -6.06
CA LYS A 61 14.52 -9.85 -7.33
C LYS A 61 14.51 -11.22 -7.96
N ARG A 62 14.77 -12.27 -7.18
CA ARG A 62 14.75 -13.63 -7.73
C ARG A 62 13.36 -13.98 -8.27
N LYS A 63 12.31 -13.63 -7.53
CA LYS A 63 10.96 -13.92 -8.01
C LYS A 63 10.68 -13.19 -9.33
N LEU A 64 11.10 -11.93 -9.40
CA LEU A 64 11.00 -11.18 -10.65
C LEU A 64 11.76 -11.88 -11.78
N ASP A 65 13.03 -12.24 -11.54
CA ASP A 65 13.87 -12.75 -12.62
C ASP A 65 13.41 -14.11 -13.13
N THR A 66 12.73 -14.89 -12.29
CA THR A 66 12.33 -16.24 -12.65
C THR A 66 10.83 -16.35 -12.93
N GLY A 67 10.12 -15.24 -13.01
CA GLY A 67 8.71 -15.26 -13.39
C GLY A 67 7.76 -15.82 -12.36
N GLN A 68 7.98 -15.53 -11.08
CA GLN A 68 7.10 -16.04 -10.03
C GLN A 68 5.91 -15.13 -9.74
N TYR A 69 5.89 -13.93 -10.30
CA TYR A 69 4.80 -12.99 -10.12
C TYR A 69 3.81 -13.12 -11.28
N GLN A 70 2.58 -13.51 -10.96
CA GLN A 70 1.57 -13.61 -12.01
C GLN A 70 1.01 -12.24 -12.40
N GLU A 71 1.00 -11.28 -11.47
CA GLU A 71 0.30 -10.02 -11.65
C GLU A 71 0.97 -8.96 -10.79
N PRO A 72 0.91 -7.68 -11.17
CA PRO A 72 1.75 -6.66 -10.52
C PRO A 72 1.49 -6.48 -9.04
N TRP A 73 0.28 -6.78 -8.56
CA TRP A 73 -0.01 -6.59 -7.15
C TRP A 73 0.72 -7.61 -6.27
N GLN A 74 1.03 -8.79 -6.81
CA GLN A 74 1.82 -9.75 -6.05
C GLN A 74 3.22 -9.21 -5.75
N TYR A 75 3.78 -8.47 -6.70
CA TYR A 75 5.06 -7.80 -6.47
C TYR A 75 4.94 -6.71 -5.41
N VAL A 76 3.95 -5.83 -5.57
CA VAL A 76 3.71 -4.77 -4.57
C VAL A 76 3.49 -5.37 -3.19
N ASP A 77 2.70 -6.44 -3.12
CA ASP A 77 2.47 -7.12 -1.84
C ASP A 77 3.79 -7.57 -1.20
N ASP A 78 4.72 -8.08 -2.01
CA ASP A 78 6.00 -8.51 -1.44
C ASP A 78 6.84 -7.33 -0.97
N VAL A 79 6.88 -6.26 -1.75
CA VAL A 79 7.64 -5.08 -1.32
C VAL A 79 7.04 -4.52 -0.02
N TRP A 80 5.71 -4.41 0.03
CA TRP A 80 5.05 -3.91 1.24
C TRP A 80 5.30 -4.83 2.43
N LEU A 81 5.33 -6.14 2.17
CA LEU A 81 5.60 -7.09 3.25
C LEU A 81 6.98 -6.86 3.82
N MET A 82 7.97 -6.67 2.95
CA MET A 82 9.32 -6.38 3.42
C MET A 82 9.32 -5.13 4.33
N PHE A 83 8.68 -4.05 3.89
CA PHE A 83 8.63 -2.84 4.71
C PHE A 83 7.88 -3.07 6.01
N ASN A 84 6.70 -3.71 5.93
CA ASN A 84 5.90 -3.92 7.14
C ASN A 84 6.62 -4.79 8.15
N ASN A 85 7.34 -5.82 7.68
CA ASN A 85 8.14 -6.64 8.59
C ASN A 85 9.13 -5.80 9.37
N ALA A 86 9.84 -4.91 8.69
CA ALA A 86 10.86 -4.10 9.32
C ALA A 86 10.24 -3.08 10.26
N TRP A 87 9.10 -2.50 9.88
CA TRP A 87 8.44 -1.54 10.77
C TRP A 87 7.88 -2.25 11.99
N LEU A 88 7.46 -3.50 11.81
CA LEU A 88 6.98 -4.31 12.92
C LEU A 88 8.12 -4.65 13.87
N TYR A 89 9.22 -5.17 13.34
CA TYR A 89 10.24 -5.74 14.21
C TYR A 89 11.06 -4.66 14.90
N ASN A 90 11.36 -3.57 14.21
CA ASN A 90 12.31 -2.58 14.71
C ASN A 90 11.60 -1.44 15.40
N ARG A 91 12.26 -0.87 16.41
CA ARG A 91 11.71 0.29 17.11
C ARG A 91 11.69 1.52 16.21
N LYS A 92 10.69 2.39 16.45
CA LYS A 92 10.55 3.60 15.64
C LYS A 92 11.79 4.48 15.70
N THR A 93 12.55 4.40 16.77
CA THR A 93 13.76 5.20 16.92
C THR A 93 14.98 4.57 16.25
N SER A 94 14.85 3.38 15.67
CA SER A 94 16.02 2.64 15.21
C SER A 94 16.43 3.04 13.80
N ARG A 95 17.70 2.76 13.49
CA ARG A 95 18.25 3.05 12.18
C ARG A 95 17.51 2.26 11.10
N VAL A 96 17.25 0.98 11.35
CA VAL A 96 16.61 0.15 10.33
C VAL A 96 15.19 0.66 10.05
N TYR A 97 14.45 1.01 11.10
CA TYR A 97 13.10 1.54 10.91
C TYR A 97 13.12 2.79 10.03
N LYS A 98 14.05 3.72 10.29
CA LYS A 98 14.10 4.95 9.50
C LYS A 98 14.60 4.68 8.07
N PHE A 99 15.53 3.74 7.90
CA PHE A 99 15.90 3.34 6.54
C PHE A 99 14.69 2.76 5.80
N CYS A 100 13.93 1.91 6.49
CA CYS A 100 12.71 1.37 5.91
C CYS A 100 11.79 2.49 5.44
N SER A 101 11.61 3.53 6.25
CA SER A 101 10.69 4.58 5.86
C SER A 101 11.19 5.30 4.62
N LYS A 102 12.51 5.50 4.52
CA LYS A 102 13.07 6.11 3.33
C LYS A 102 12.82 5.24 2.10
N LEU A 103 13.06 3.93 2.21
CA LEU A 103 12.83 3.05 1.06
C LEU A 103 11.35 3.07 0.64
N ALA A 104 10.44 3.12 1.62
CA ALA A 104 9.02 3.15 1.29
C ALA A 104 8.66 4.43 0.56
N GLU A 105 9.27 5.55 0.97
CA GLU A 105 9.05 6.81 0.27
C GLU A 105 9.49 6.69 -1.18
N VAL A 106 10.70 6.17 -1.39
CA VAL A 106 11.20 5.98 -2.75
C VAL A 106 10.27 5.08 -3.55
N PHE A 107 9.85 3.97 -2.93
CA PHE A 107 9.07 2.98 -3.68
C PHE A 107 7.73 3.56 -4.11
N GLU A 108 7.02 4.23 -3.19
CA GLU A 108 5.71 4.77 -3.52
C GLU A 108 5.79 5.73 -4.71
N GLN A 109 6.86 6.53 -4.78
CA GLN A 109 7.04 7.42 -5.92
C GLN A 109 7.24 6.62 -7.21
N GLU A 110 7.95 5.49 -7.13
CA GLU A 110 8.33 4.78 -8.34
C GLU A 110 7.24 3.83 -8.81
N ILE A 111 6.51 3.21 -7.89
CA ILE A 111 5.54 2.21 -8.29
C ILE A 111 4.26 2.85 -8.83
N ASP A 112 3.95 4.08 -8.42
CA ASP A 112 2.65 4.68 -8.73
C ASP A 112 2.42 4.82 -10.23
N PRO A 113 3.33 5.38 -11.03
CA PRO A 113 3.07 5.40 -12.49
C PRO A 113 3.10 4.02 -13.12
N VAL A 114 3.96 3.12 -12.65
CA VAL A 114 4.08 1.81 -13.27
C VAL A 114 2.77 1.04 -13.16
N MET A 115 2.08 1.17 -12.02
CA MET A 115 0.79 0.50 -11.88
C MET A 115 -0.25 1.10 -12.82
N GLN A 116 -0.09 2.38 -13.19
CA GLN A 116 -0.99 2.96 -14.17
C GLN A 116 -0.79 2.34 -15.55
N SER A 117 0.43 1.93 -15.88
CA SER A 117 0.69 1.23 -17.13
C SER A 117 0.08 -0.16 -17.11
N ILE B 6 -25.70 -0.58 -16.62
CA ILE B 6 -24.83 -1.33 -17.52
C ILE B 6 -23.54 -0.58 -17.78
N PHE B 7 -22.48 -0.95 -17.06
CA PHE B 7 -21.18 -0.30 -17.15
C PHE B 7 -20.09 -1.32 -17.40
N LYS B 8 -19.27 -1.09 -18.43
CA LYS B 8 -18.14 -1.97 -18.72
C LYS B 8 -17.03 -1.74 -17.69
N PRO B 9 -16.25 -2.79 -17.39
CA PRO B 9 -15.19 -2.64 -16.38
C PRO B 9 -14.17 -1.57 -16.72
N GLU B 10 -13.71 -1.52 -17.97
CA GLU B 10 -12.70 -0.53 -18.34
C GLU B 10 -13.28 0.88 -18.36
N GLU B 11 -14.55 1.02 -18.76
CA GLU B 11 -15.19 2.32 -18.70
C GLU B 11 -15.30 2.82 -17.26
N LEU B 12 -15.54 1.93 -16.31
CA LEU B 12 -15.61 2.34 -14.91
C LEU B 12 -14.24 2.71 -14.38
N ARG B 13 -13.22 1.91 -14.70
CA ARG B 13 -11.87 2.21 -14.26
C ARG B 13 -11.40 3.55 -14.80
N GLN B 14 -11.64 3.81 -16.08
CA GLN B 14 -11.14 5.02 -16.71
C GLN B 14 -11.80 6.27 -16.14
N ALA B 15 -13.09 6.19 -15.82
CA ALA B 15 -13.79 7.37 -15.33
C ALA B 15 -13.52 7.63 -13.84
N LEU B 16 -13.41 6.58 -13.03
CA LEU B 16 -13.34 6.72 -11.58
C LEU B 16 -11.93 6.84 -11.03
N MET B 17 -10.94 6.23 -11.70
CA MET B 17 -9.55 6.28 -11.22
C MET B 17 -9.08 7.72 -11.02
N PRO B 18 -9.47 8.68 -11.86
CA PRO B 18 -9.12 10.09 -11.55
C PRO B 18 -9.55 10.54 -10.16
N THR B 19 -10.73 10.11 -9.67
CA THR B 19 -11.13 10.53 -8.34
C THR B 19 -10.27 9.85 -7.28
N LEU B 20 -9.92 8.58 -7.51
CA LEU B 20 -9.04 7.89 -6.59
C LEU B 20 -7.64 8.51 -6.56
N GLU B 21 -7.16 8.96 -7.73
CA GLU B 21 -5.83 9.59 -7.77
C GLU B 21 -5.82 10.90 -7.00
N ALA B 22 -6.92 11.65 -7.04
CA ALA B 22 -7.01 12.90 -6.29
C ALA B 22 -6.84 12.69 -4.80
N LEU B 23 -7.29 11.54 -4.30
CA LEU B 23 -7.07 11.23 -2.89
C LEU B 23 -5.63 10.85 -2.63
N TYR B 24 -5.05 10.02 -3.50
CA TYR B 24 -3.64 9.66 -3.40
C TYR B 24 -2.74 10.88 -3.45
N ARG B 25 -3.14 11.91 -4.20
CA ARG B 25 -2.33 13.09 -4.34
C ARG B 25 -2.19 13.85 -3.03
N GLN B 26 -3.10 13.63 -2.08
CA GLN B 26 -3.06 14.35 -0.82
C GLN B 26 -1.93 13.78 0.03
N ASP B 27 -0.86 14.57 0.17
CA ASP B 27 0.27 14.21 0.99
C ASP B 27 0.39 15.31 2.03
N PRO B 28 0.40 14.99 3.33
CA PRO B 28 0.44 13.63 3.86
C PRO B 28 -0.93 13.01 4.14
N GLU B 29 -2.03 13.68 3.78
CA GLU B 29 -3.33 13.29 4.32
C GLU B 29 -3.74 11.88 3.91
N SER B 30 -3.31 11.41 2.75
CA SER B 30 -3.70 10.07 2.31
C SER B 30 -2.81 8.97 2.87
N LEU B 31 -1.69 9.30 3.50
CA LEU B 31 -0.76 8.24 3.91
C LEU B 31 -1.37 7.24 4.89
N PRO B 32 -2.18 7.63 5.88
CA PRO B 32 -2.79 6.61 6.77
C PRO B 32 -3.79 5.71 6.06
N PHE B 33 -4.13 6.01 4.82
CA PHE B 33 -5.18 5.33 4.10
C PHE B 33 -4.67 4.53 2.91
N ARG B 34 -3.36 4.52 2.69
CA ARG B 34 -2.85 3.91 1.46
C ARG B 34 -2.84 2.40 1.52
N GLN B 35 -2.62 1.84 2.69
CA GLN B 35 -2.53 0.41 2.89
C GLN B 35 -3.53 -0.02 3.94
N PRO B 36 -3.94 -1.28 3.95
CA PRO B 36 -4.87 -1.74 4.99
C PRO B 36 -4.31 -1.52 6.38
N VAL B 37 -5.17 -1.09 7.30
CA VAL B 37 -4.73 -0.92 8.68
C VAL B 37 -4.25 -2.26 9.21
N ASP B 38 -3.07 -2.24 9.84
CA ASP B 38 -2.47 -3.43 10.43
C ASP B 38 -2.47 -3.21 11.94
N PRO B 39 -3.41 -3.77 12.68
CA PRO B 39 -3.51 -3.45 14.11
C PRO B 39 -2.25 -3.81 14.89
N GLN B 40 -1.63 -4.95 14.61
CA GLN B 40 -0.40 -5.33 15.32
C GLN B 40 0.70 -4.33 15.03
N LEU B 41 0.88 -4.00 13.75
CA LEU B 41 1.90 -3.03 13.36
C LEU B 41 1.67 -1.69 14.03
N LEU B 42 0.42 -1.22 14.02
CA LEU B 42 0.12 0.12 14.52
C LEU B 42 -0.12 0.14 16.03
N GLY B 43 -0.17 -1.02 16.68
CA GLY B 43 -0.38 -1.04 18.11
C GLY B 43 -1.80 -0.70 18.52
N ILE B 44 -2.79 -1.07 17.71
CA ILE B 44 -4.19 -0.80 18.03
C ILE B 44 -4.98 -2.10 17.96
N PRO B 45 -4.83 -3.00 18.94
CA PRO B 45 -5.43 -4.34 18.82
C PRO B 45 -6.95 -4.35 18.82
N ASP B 46 -7.62 -3.31 19.29
CA ASP B 46 -9.08 -3.33 19.26
C ASP B 46 -9.65 -2.92 17.92
N TYR B 47 -8.80 -2.61 16.92
CA TYR B 47 -9.30 -2.05 15.67
C TYR B 47 -10.38 -2.92 15.04
N PHE B 48 -10.14 -4.23 14.90
CA PHE B 48 -11.11 -5.11 14.25
C PHE B 48 -12.32 -5.38 15.11
N ASP B 49 -12.26 -5.11 16.42
CA ASP B 49 -13.47 -5.11 17.23
C ASP B 49 -14.40 -3.98 16.81
N ILE B 50 -13.85 -2.84 16.44
CA ILE B 50 -14.63 -1.64 16.16
C ILE B 50 -14.99 -1.54 14.69
N VAL B 51 -14.04 -1.83 13.82
CA VAL B 51 -14.21 -1.70 12.38
C VAL B 51 -14.51 -3.10 11.85
N LYS B 52 -15.78 -3.34 11.51
CA LYS B 52 -16.18 -4.64 11.00
C LYS B 52 -15.79 -4.86 9.56
N ASN B 53 -15.75 -3.81 8.74
CA ASN B 53 -15.49 -3.92 7.30
C ASN B 53 -14.39 -2.94 6.92
N PRO B 54 -13.13 -3.32 7.11
CA PRO B 54 -12.01 -2.42 6.78
C PRO B 54 -11.97 -2.12 5.28
N MET B 55 -11.45 -0.95 4.96
CA MET B 55 -11.32 -0.52 3.58
C MET B 55 -10.18 0.47 3.52
N ASP B 56 -9.44 0.45 2.43
CA ASP B 56 -8.32 1.38 2.26
C ASP B 56 -8.13 1.61 0.76
N LEU B 57 -7.29 2.61 0.45
CA LEU B 57 -7.15 3.02 -0.94
C LEU B 57 -6.62 1.89 -1.81
N SER B 58 -5.68 1.08 -1.30
CA SER B 58 -5.13 0.04 -2.16
C SER B 58 -6.16 -1.04 -2.46
N THR B 59 -7.04 -1.33 -1.51
CA THR B 59 -8.11 -2.28 -1.76
C THR B 59 -9.08 -1.76 -2.81
N ILE B 60 -9.42 -0.47 -2.73
CA ILE B 60 -10.32 0.12 -3.72
C ILE B 60 -9.66 0.11 -5.09
N LYS B 61 -8.38 0.46 -5.15
CA LYS B 61 -7.65 0.46 -6.41
C LYS B 61 -7.62 -0.93 -7.03
N ARG B 62 -7.35 -1.95 -6.22
CA ARG B 62 -7.35 -3.33 -6.73
C ARG B 62 -8.72 -3.73 -7.26
N LYS B 63 -9.79 -3.38 -6.54
CA LYS B 63 -11.12 -3.76 -7.00
C LYS B 63 -11.47 -3.06 -8.30
N LEU B 64 -11.05 -1.79 -8.42
CA LEU B 64 -11.24 -1.05 -9.66
C LEU B 64 -10.45 -1.69 -10.80
N ASP B 65 -9.25 -2.20 -10.49
CA ASP B 65 -8.40 -2.82 -11.50
C ASP B 65 -8.92 -4.18 -11.95
N THR B 66 -9.65 -4.88 -11.09
CA THR B 66 -10.16 -6.20 -11.41
C THR B 66 -11.66 -6.19 -11.70
N GLY B 67 -12.22 -5.03 -12.02
CA GLY B 67 -13.61 -4.91 -12.40
C GLY B 67 -14.61 -5.38 -11.36
N GLN B 68 -14.29 -5.21 -10.08
CA GLN B 68 -15.19 -5.72 -9.05
C GLN B 68 -16.37 -4.78 -8.77
N TYR B 69 -16.32 -3.54 -9.25
CA TYR B 69 -17.44 -2.63 -9.13
C TYR B 69 -18.33 -2.78 -10.35
N GLN B 70 -19.57 -3.24 -10.14
CA GLN B 70 -20.52 -3.34 -11.24
C GLN B 70 -21.22 -2.01 -11.53
N GLU B 71 -21.19 -1.06 -10.61
CA GLU B 71 -21.81 0.25 -10.80
C GLU B 71 -20.99 1.30 -10.09
N PRO B 72 -20.94 2.53 -10.60
CA PRO B 72 -20.08 3.55 -9.99
C PRO B 72 -20.46 3.89 -8.55
N TRP B 73 -21.71 3.70 -8.16
CA TRP B 73 -22.05 3.99 -6.76
C TRP B 73 -21.48 2.95 -5.80
N GLN B 74 -21.13 1.75 -6.29
CA GLN B 74 -20.46 0.79 -5.42
C GLN B 74 -19.04 1.22 -5.10
N TYR B 75 -18.37 1.87 -6.04
CA TYR B 75 -17.06 2.43 -5.75
C TYR B 75 -17.19 3.57 -4.75
N VAL B 76 -18.18 4.43 -4.95
CA VAL B 76 -18.41 5.52 -3.99
C VAL B 76 -18.72 4.96 -2.62
N ASP B 77 -19.47 3.86 -2.54
CA ASP B 77 -19.76 3.25 -1.25
C ASP B 77 -18.50 2.81 -0.51
N ASP B 78 -17.52 2.27 -1.24
CA ASP B 78 -16.29 1.82 -0.60
C ASP B 78 -15.46 2.98 -0.11
N VAL B 79 -15.48 4.10 -0.84
CA VAL B 79 -14.73 5.26 -0.40
C VAL B 79 -15.32 5.81 0.90
N TRP B 80 -16.65 5.90 0.98
CA TRP B 80 -17.26 6.39 2.20
C TRP B 80 -17.15 5.40 3.35
N LEU B 81 -17.05 4.10 3.03
CA LEU B 81 -16.79 3.13 4.08
C LEU B 81 -15.41 3.37 4.71
N MET B 82 -14.41 3.55 3.87
CA MET B 82 -13.06 3.89 4.35
C MET B 82 -13.11 5.12 5.24
N PHE B 83 -13.79 6.18 4.79
CA PHE B 83 -13.83 7.42 5.57
C PHE B 83 -14.54 7.19 6.90
N ASN B 84 -15.70 6.53 6.85
CA ASN B 84 -16.47 6.32 8.06
C ASN B 84 -15.79 5.37 9.03
N ASN B 85 -15.05 4.38 8.53
CA ASN B 85 -14.22 3.57 9.43
C ASN B 85 -13.24 4.45 10.20
N ALA B 86 -12.57 5.36 9.49
CA ALA B 86 -11.59 6.20 10.15
C ALA B 86 -12.24 7.15 11.14
N TRP B 87 -13.38 7.75 10.78
CA TRP B 87 -14.07 8.65 11.72
C TRP B 87 -14.62 7.88 12.92
N LEU B 88 -15.01 6.62 12.71
CA LEU B 88 -15.51 5.81 13.80
C LEU B 88 -14.40 5.46 14.78
N TYR B 89 -13.26 5.00 14.25
CA TYR B 89 -12.25 4.43 15.14
C TYR B 89 -11.44 5.52 15.83
N ASN B 90 -11.14 6.61 15.14
CA ASN B 90 -10.18 7.59 15.62
C ASN B 90 -10.90 8.72 16.35
N ARG B 91 -10.21 9.33 17.31
CA ARG B 91 -10.79 10.46 18.03
C ARG B 91 -10.83 11.70 17.16
N LYS B 92 -11.84 12.56 17.41
CA LYS B 92 -11.99 13.81 16.66
C LYS B 92 -10.73 14.67 16.70
N THR B 93 -9.95 14.60 17.77
CA THR B 93 -8.74 15.38 17.91
C THR B 93 -7.54 14.76 17.20
N SER B 94 -7.69 13.56 16.65
CA SER B 94 -6.53 12.82 16.20
C SER B 94 -6.11 13.26 14.79
N ARG B 95 -4.82 13.01 14.51
CA ARG B 95 -4.27 13.30 13.20
C ARG B 95 -5.00 12.53 12.11
N VAL B 96 -5.33 11.28 12.36
CA VAL B 96 -5.94 10.48 11.31
C VAL B 96 -7.34 11.00 11.01
N TYR B 97 -8.10 11.31 12.05
CA TYR B 97 -9.46 11.81 11.87
C TYR B 97 -9.47 13.09 11.05
N LYS B 98 -8.57 14.02 11.36
CA LYS B 98 -8.61 15.27 10.60
C LYS B 98 -8.13 15.06 9.16
N PHE B 99 -7.15 14.17 8.97
CA PHE B 99 -6.75 13.81 7.61
C PHE B 99 -7.93 13.23 6.84
N CYS B 100 -8.68 12.35 7.50
CA CYS B 100 -9.85 11.75 6.88
C CYS B 100 -10.83 12.81 6.44
N SER B 101 -11.06 13.80 7.30
CA SER B 101 -11.99 14.89 6.95
C SER B 101 -11.49 15.66 5.74
N LYS B 102 -10.17 15.78 5.58
CA LYS B 102 -9.62 16.47 4.42
C LYS B 102 -9.84 15.65 3.15
N LEU B 103 -9.55 14.35 3.20
CA LEU B 103 -9.78 13.49 2.05
C LEU B 103 -11.25 13.51 1.65
N ALA B 104 -12.15 13.47 2.63
CA ALA B 104 -13.58 13.48 2.32
C ALA B 104 -13.98 14.77 1.63
N GLU B 105 -13.44 15.91 2.09
CA GLU B 105 -13.68 17.18 1.41
C GLU B 105 -13.22 17.11 -0.04
N VAL B 106 -12.01 16.59 -0.28
CA VAL B 106 -11.48 16.49 -1.63
C VAL B 106 -12.36 15.57 -2.48
N PHE B 107 -12.76 14.43 -1.92
CA PHE B 107 -13.55 13.47 -2.67
C PHE B 107 -14.91 14.06 -3.06
N GLU B 108 -15.47 14.92 -2.21
CA GLU B 108 -16.74 15.57 -2.52
C GLU B 108 -16.65 16.37 -3.82
N GLN B 109 -15.58 17.14 -3.97
CA GLN B 109 -15.44 17.98 -5.15
C GLN B 109 -15.24 17.13 -6.40
N GLU B 110 -14.37 16.12 -6.32
CA GLU B 110 -14.01 15.37 -7.52
C GLU B 110 -15.13 14.45 -7.99
N ILE B 111 -15.93 13.91 -7.07
CA ILE B 111 -16.85 12.84 -7.43
C ILE B 111 -18.13 13.36 -8.06
N ASP B 112 -18.51 14.61 -7.78
CA ASP B 112 -19.75 15.12 -8.36
C ASP B 112 -19.69 15.21 -9.88
N PRO B 113 -18.71 15.89 -10.49
CA PRO B 113 -18.65 15.87 -11.96
C PRO B 113 -18.60 14.47 -12.55
N VAL B 114 -17.87 13.55 -11.89
CA VAL B 114 -17.70 12.21 -12.45
C VAL B 114 -19.00 11.42 -12.33
N MET B 115 -19.72 11.59 -11.21
CA MET B 115 -20.98 10.88 -10.99
C MET B 115 -22.13 11.45 -11.80
N GLN B 116 -21.85 11.81 -13.05
CA GLN B 116 -22.87 12.11 -14.04
C GLN B 116 -22.52 11.31 -15.30
N SER B 117 -22.28 10.01 -15.08
CA SER B 117 -21.87 9.05 -16.10
C SER B 117 -20.91 9.62 -17.13
CAA 0BC C . 21.49 -5.42 14.34
CAB 0BC C . 15.56 -5.90 7.92
CAE 0BC C . 16.70 -5.76 11.53
CAF 0BC C . 17.90 -5.64 12.24
CAG 0BC C . 26.43 -8.39 5.07
CAH 0BC C . 24.15 -8.76 6.03
CAI 0BC C . 22.72 -6.76 7.33
CAJ 0BC C . 22.45 -4.43 7.82
CAK 0BC C . 24.38 -5.21 6.59
CAL 0BC C . 17.93 -5.57 9.45
CAM 0BC C . 20.13 -5.28 13.63
CAV 0BC C . 15.50 -5.85 9.45
CAW 0BC C . 20.74 -6.06 8.56
CAX 0BC C . 16.71 -5.74 10.14
CAY 0BC C . 21.97 -5.74 7.94
CAZ 0BC C . 23.91 -6.51 6.68
CBA 0BC C . 23.65 -4.16 7.16
CBB 0BC C . 24.61 -7.51 6.13
CBC 0BC C . 19.14 -5.45 10.17
CBD 0BC C . 19.10 -5.47 11.56
CBE 0BC C . 24.13 -2.92 7.03
NAN 0BC C . 25.85 -7.30 5.60
NAO 0BC C . 24.30 -0.84 7.10
NAP 0BC C . 23.52 -1.80 7.41
NAQ 0BC C . 25.30 -2.60 6.48
NAR 0BC C . 20.34 -5.25 9.57
NAS 0BC C . 25.40 -1.34 6.53
OAC 0BC C . 14.41 -5.87 10.02
OAD 0BC C . 20.05 -6.99 8.12
OAT 0BC C . 20.30 -5.33 12.22
SAU 0BC C . 25.35 -9.66 5.24
CAA 0BC D . -1.71 4.48 15.45
CAB 0BC D . -6.91 4.68 8.92
CAE 0BC D . -5.71 4.61 12.49
CAF 0BC D . -4.49 4.72 13.17
CAG 0BC D . 2.22 1.73 7.20
CAH 0BC D . 3.37 3.66 8.29
CAI 0BC D . 0.31 4.87 9.16
CAJ 0BC D . 0.21 7.28 9.12
CAK 0BC D . 2.01 6.17 7.97
CAL 0BC D . -4.52 4.68 10.38
CAM 0BC D . -2.29 5.45 14.42
CAV 0BC D . -6.93 4.49 10.45
CAW 0BC D . -1.46 6.04 10.32
CAX 0BC D . -5.71 4.59 11.11
CAY 0BC D . -0.32 6.05 9.53
CAZ 0BC D . 1.46 4.94 8.37
CBA 0BC D . 1.36 7.35 8.34
CBB 0BC D . 2.08 3.82 8.03
CBC 0BC D . -3.31 4.79 11.06
CBD 0BC D . -3.30 4.81 12.46
CBE 0BC D . 1.86 8.53 7.97
NAN 0BC D . 1.43 2.79 7.44
NAO 0BC D . 2.03 10.51 7.66
NAP 0BC D . 1.26 9.70 8.09
NAQ 0BC D . 3.07 8.74 7.46
NAR 0BC D . -2.15 4.87 10.36
NAS 0BC D . 3.13 9.95 7.28
OAC 0BC D . -7.97 4.31 11.09
OAD 0BC D . -1.76 7.05 10.96
OAT 0BC D . -2.10 4.91 13.11
SAU 0BC D . 3.72 2.16 7.77
#